data_2R7H
#
_entry.id   2R7H
#
_cell.length_a   71.750
_cell.length_b   47.350
_cell.length_c   108.120
_cell.angle_alpha   90.000
_cell.angle_beta   97.040
_cell.angle_gamma   90.000
#
_symmetry.space_group_name_H-M   'C 1 2 1'
#
loop_
_entity.id
_entity.type
_entity.pdbx_description
1 polymer 'Putative D-alanine N-acetyltransferase of GNAT family'
2 non-polymer 2-ETHOXYETHANOL
3 water water
#
_entity_poly.entity_id   1
_entity_poly.type   'polypeptide(L)'
_entity_poly.pdbx_seq_one_letter_code
;G(MSE)PQTLKPDTPAGTPAAGAVAFRRQVLPQDALLVRRVVESTGFFTPEEADVAQELVDEHL(MSE)HGAACGYHFVF
ATEDDD(MSE)AGYACYGPTPATEGTYDLYWIAVAPHRQHSGLGRALLAEVVHDVRLTGGRLLFAETSGIRKYAPTRRFY
ERAGFSAEAVLKAFYRAGDDKIIYRLEVA
;
_entity_poly.pdbx_strand_id   A,B
#
# COMPACT_ATOMS: atom_id res chain seq x y z
N ALA A 19 -28.04 -0.65 -22.91
CA ALA A 19 -28.82 -1.10 -21.72
C ALA A 19 -27.85 -1.53 -20.61
N VAL A 20 -27.02 -0.58 -20.14
CA VAL A 20 -26.00 -0.81 -19.08
C VAL A 20 -26.51 -0.64 -17.65
N ALA A 21 -26.31 -1.64 -16.80
CA ALA A 21 -26.72 -1.58 -15.38
C ALA A 21 -25.47 -1.65 -14.48
N PHE A 22 -25.58 -1.14 -13.26
CA PHE A 22 -24.47 -1.19 -12.28
C PHE A 22 -24.85 -2.06 -11.10
N ARG A 23 -23.93 -2.91 -10.67
CA ARG A 23 -24.13 -3.87 -9.56
C ARG A 23 -22.89 -3.92 -8.63
N ARG A 24 -23.13 -4.12 -7.33
CA ARG A 24 -22.10 -4.19 -6.30
C ARG A 24 -22.02 -5.49 -5.48
N GLN A 25 -23.06 -6.35 -5.49
CA GLN A 25 -23.02 -7.62 -4.74
C GLN A 25 -22.11 -8.60 -5.49
N VAL A 26 -21.07 -9.10 -4.83
CA VAL A 26 -20.14 -10.03 -5.47
C VAL A 26 -20.74 -11.44 -5.51
N LEU A 27 -20.92 -11.97 -6.72
CA LEU A 27 -21.48 -13.31 -6.94
C LEU A 27 -20.36 -14.30 -7.25
N PRO A 28 -20.60 -15.62 -7.03
CA PRO A 28 -19.54 -16.60 -7.35
C PRO A 28 -19.10 -16.53 -8.83
N GLN A 29 -20.09 -16.41 -9.72
CA GLN A 29 -19.90 -16.28 -11.17
C GLN A 29 -18.98 -15.12 -11.66
N ASP A 30 -18.85 -14.05 -10.87
CA ASP A 30 -18.03 -12.88 -11.25
C ASP A 30 -16.52 -13.05 -11.28
N ALA A 31 -15.96 -13.97 -10.49
CA ALA A 31 -14.50 -14.16 -10.49
C ALA A 31 -14.00 -14.44 -11.93
N LEU A 32 -14.70 -15.31 -12.64
CA LEU A 32 -14.31 -15.68 -14.02
C LEU A 32 -14.67 -14.57 -15.02
N LEU A 33 -15.84 -13.94 -14.85
CA LEU A 33 -16.27 -12.81 -15.73
C LEU A 33 -15.24 -11.67 -15.68
N VAL A 34 -14.77 -11.34 -14.48
CA VAL A 34 -13.75 -10.29 -14.27
C VAL A 34 -12.43 -10.67 -14.95
N ARG A 35 -12.04 -11.95 -14.80
CA ARG A 35 -10.80 -12.41 -15.43
C ARG A 35 -10.89 -12.21 -16.94
N ARG A 36 -12.06 -12.55 -17.47
CA ARG A 36 -12.33 -12.41 -18.88
C ARG A 36 -12.35 -10.99 -19.36
N VAL A 37 -12.90 -10.07 -18.56
CA VAL A 37 -12.86 -8.65 -18.93
C VAL A 37 -11.35 -8.28 -19.01
N VAL A 38 -10.56 -8.67 -18.00
CA VAL A 38 -9.13 -8.37 -18.00
C VAL A 38 -8.41 -9.06 -19.20
N GLU A 39 -8.77 -10.30 -19.49
CA GLU A 39 -8.20 -11.05 -20.65
C GLU A 39 -8.56 -10.41 -21.98
N SER A 40 -9.84 -9.97 -22.09
CA SER A 40 -10.39 -9.37 -23.31
C SER A 40 -9.66 -8.15 -23.77
N THR A 41 -9.10 -7.38 -22.83
CA THR A 41 -8.37 -6.18 -23.18
C THR A 41 -7.06 -6.45 -23.94
N GLY A 42 -6.45 -7.64 -23.76
CA GLY A 42 -5.18 -7.98 -24.39
C GLY A 42 -3.98 -7.16 -23.87
N PHE A 43 -4.17 -6.49 -22.73
CA PHE A 43 -3.19 -5.62 -22.10
C PHE A 43 -2.39 -6.31 -21.00
N PHE A 44 -3.04 -7.23 -20.28
CA PHE A 44 -2.45 -7.92 -19.14
C PHE A 44 -1.95 -9.34 -19.34
N THR A 45 -0.99 -9.74 -18.50
CA THR A 45 -0.42 -11.08 -18.55
C THR A 45 -1.46 -12.02 -17.91
N PRO A 46 -1.35 -13.34 -18.18
CA PRO A 46 -2.26 -14.30 -17.53
C PRO A 46 -2.19 -14.26 -15.99
N GLU A 47 -1.03 -13.87 -15.44
CA GLU A 47 -0.84 -13.77 -13.98
C GLU A 47 -1.49 -12.50 -13.44
N GLU A 48 -1.52 -11.42 -14.24
CA GLU A 48 -2.20 -10.20 -13.84
C GLU A 48 -3.72 -10.51 -13.79
N ALA A 49 -4.22 -11.32 -14.74
CA ALA A 49 -5.65 -11.71 -14.76
C ALA A 49 -5.96 -12.61 -13.55
N ASP A 50 -4.97 -13.43 -13.15
CA ASP A 50 -5.06 -14.29 -11.97
C ASP A 50 -5.37 -13.40 -10.75
N VAL A 51 -4.58 -12.33 -10.58
CA VAL A 51 -4.74 -11.39 -9.45
C VAL A 51 -6.15 -10.80 -9.35
N ALA A 52 -6.64 -10.29 -10.47
CA ALA A 52 -7.99 -9.69 -10.60
C ALA A 52 -9.10 -10.68 -10.17
N GLN A 53 -9.00 -11.91 -10.68
CA GLN A 53 -9.93 -12.97 -10.36
C GLN A 53 -9.83 -13.31 -8.85
N GLU A 54 -8.59 -13.37 -8.33
CA GLU A 54 -8.31 -13.66 -6.91
C GLU A 54 -8.97 -12.62 -5.98
N LEU A 55 -8.91 -11.34 -6.35
CA LEU A 55 -9.56 -10.30 -5.54
C LEU A 55 -11.05 -10.52 -5.44
N VAL A 56 -11.70 -10.87 -6.56
CA VAL A 56 -13.15 -11.14 -6.57
C VAL A 56 -13.41 -12.33 -5.64
N ASP A 57 -12.65 -13.43 -5.83
CA ASP A 57 -12.78 -14.65 -4.99
C ASP A 57 -12.53 -14.34 -3.49
N GLU A 58 -11.53 -13.50 -3.19
CA GLU A 58 -11.22 -13.11 -1.81
C GLU A 58 -12.36 -12.28 -1.17
N HIS A 59 -13.18 -11.63 -2.01
CA HIS A 59 -14.33 -10.86 -1.54
C HIS A 59 -15.45 -11.85 -1.17
N LEU A 60 -15.64 -12.86 -2.03
CA LEU A 60 -16.66 -13.92 -1.82
C LEU A 60 -16.46 -14.71 -0.50
N HIS A 62 -15.11 -13.51 2.26
CA HIS A 62 -15.10 -12.56 3.41
C HIS A 62 -16.28 -11.59 3.30
N ALA A 65 -15.26 -6.46 4.22
CA ALA A 65 -14.75 -7.59 4.99
C ALA A 65 -13.26 -7.74 4.67
N CYS A 66 -12.96 -7.97 3.39
CA CYS A 66 -11.59 -8.10 2.87
C CYS A 66 -10.93 -6.72 2.52
N GLY A 67 -11.66 -5.62 2.73
CA GLY A 67 -11.16 -4.26 2.50
C GLY A 67 -11.38 -3.63 1.15
N TYR A 68 -12.09 -4.27 0.25
CA TYR A 68 -12.34 -3.69 -1.05
C TYR A 68 -13.75 -3.91 -1.56
N HIS A 69 -14.13 -3.07 -2.52
CA HIS A 69 -15.44 -3.02 -3.09
C HIS A 69 -15.35 -3.04 -4.60
N PHE A 70 -16.46 -3.41 -5.24
CA PHE A 70 -16.61 -3.49 -6.69
C PHE A 70 -17.85 -2.72 -7.20
N VAL A 71 -17.84 -2.37 -8.46
CA VAL A 71 -18.97 -1.79 -9.19
C VAL A 71 -18.81 -2.52 -10.51
N PHE A 72 -19.76 -3.39 -10.86
CA PHE A 72 -19.69 -4.11 -12.14
C PHE A 72 -20.66 -3.44 -13.11
N ALA A 73 -20.22 -3.21 -14.36
CA ALA A 73 -21.08 -2.63 -15.42
C ALA A 73 -21.54 -3.85 -16.24
N THR A 74 -22.82 -3.97 -16.52
CA THR A 74 -23.33 -5.12 -17.30
C THR A 74 -24.36 -4.69 -18.36
N GLU A 75 -24.25 -5.31 -19.55
CA GLU A 75 -25.12 -5.12 -20.72
C GLU A 75 -25.77 -6.51 -20.91
N ASP A 76 -27.07 -6.61 -20.65
CA ASP A 76 -27.82 -7.88 -20.75
C ASP A 76 -27.22 -8.92 -19.75
N ASP A 77 -26.86 -10.12 -20.21
CA ASP A 77 -26.28 -11.17 -19.36
C ASP A 77 -24.73 -11.08 -19.27
N ASP A 78 -24.10 -10.06 -19.92
CA ASP A 78 -22.65 -9.91 -20.00
C ASP A 78 -22.01 -8.82 -19.16
N ALA A 80 -19.68 -5.93 -19.02
CA ALA A 80 -19.04 -4.97 -19.92
C ALA A 80 -17.76 -4.38 -19.29
N GLY A 81 -17.73 -4.28 -17.96
CA GLY A 81 -16.58 -3.75 -17.26
C GLY A 81 -16.75 -3.76 -15.75
N TYR A 82 -15.73 -3.28 -15.04
CA TYR A 82 -15.82 -3.22 -13.59
C TYR A 82 -14.77 -2.24 -13.06
N ALA A 83 -14.97 -1.87 -11.79
CA ALA A 83 -14.05 -1.02 -11.03
C ALA A 83 -13.86 -1.72 -9.68
N CYS A 84 -12.65 -1.65 -9.12
CA CYS A 84 -12.33 -2.24 -7.82
C CYS A 84 -11.69 -1.11 -7.02
N TYR A 85 -12.18 -0.84 -5.81
CA TYR A 85 -11.64 0.21 -4.99
C TYR A 85 -11.88 -0.08 -3.51
N GLY A 86 -11.21 0.67 -2.65
CA GLY A 86 -11.44 0.45 -1.19
C GLY A 86 -10.86 1.56 -0.31
N PRO A 87 -11.27 1.59 0.97
CA PRO A 87 -10.78 2.62 1.89
C PRO A 87 -9.29 2.42 2.19
N THR A 88 -8.53 3.50 2.25
CA THR A 88 -7.09 3.40 2.53
C THR A 88 -6.88 3.12 4.03
N PRO A 89 -6.14 2.05 4.39
CA PRO A 89 -6.00 1.80 5.84
C PRO A 89 -5.29 2.93 6.57
N ALA A 90 -5.70 3.16 7.80
CA ALA A 90 -5.11 4.19 8.68
C ALA A 90 -5.38 5.63 8.25
N THR A 91 -6.45 5.90 7.51
CA THR A 91 -6.77 7.27 7.08
C THR A 91 -8.23 7.53 7.39
N GLU A 92 -8.59 8.80 7.39
CA GLU A 92 -9.97 9.21 7.53
C GLU A 92 -10.44 9.70 6.18
N GLY A 93 -11.31 8.95 5.52
CA GLY A 93 -11.87 9.36 4.25
C GLY A 93 -11.02 9.35 3.00
N THR A 94 -9.98 8.52 2.98
CA THR A 94 -9.09 8.38 1.82
C THR A 94 -9.35 7.01 1.28
N TYR A 95 -9.43 6.94 -0.05
CA TYR A 95 -9.70 5.75 -0.83
C TYR A 95 -8.72 5.58 -1.96
N ASP A 96 -8.54 4.34 -2.35
CA ASP A 96 -7.73 3.86 -3.43
C ASP A 96 -8.62 3.18 -4.48
N LEU A 97 -8.41 3.57 -5.73
CA LEU A 97 -9.02 3.03 -6.91
C LEU A 97 -7.94 2.01 -7.30
N TYR A 98 -8.25 0.73 -7.24
CA TYR A 98 -7.29 -0.33 -7.57
C TYR A 98 -7.21 -0.57 -9.07
N TRP A 99 -8.36 -0.78 -9.70
N TRP A 99 -8.33 -0.70 -9.75
CA TRP A 99 -8.45 -1.11 -11.13
CA TRP A 99 -8.33 -0.85 -11.21
C TRP A 99 -9.78 -0.71 -11.77
C TRP A 99 -9.73 -0.73 -11.80
N ILE A 100 -9.79 -0.22 -13.03
CA ILE A 100 -11.02 -0.02 -13.80
C ILE A 100 -10.65 -0.69 -15.15
N ALA A 101 -11.46 -1.66 -15.60
CA ALA A 101 -11.23 -2.37 -16.87
C ALA A 101 -12.56 -2.52 -17.59
N VAL A 102 -12.52 -2.24 -18.91
CA VAL A 102 -13.69 -2.38 -19.79
C VAL A 102 -13.26 -3.25 -20.99
N ALA A 103 -14.18 -4.09 -21.44
CA ALA A 103 -13.95 -4.96 -22.57
C ALA A 103 -13.84 -4.11 -23.86
N PRO A 104 -13.04 -4.55 -24.85
CA PRO A 104 -12.84 -3.86 -26.14
C PRO A 104 -14.11 -3.35 -26.84
N HIS A 105 -15.21 -4.10 -26.78
CA HIS A 105 -16.51 -3.64 -27.38
C HIS A 105 -17.21 -2.51 -26.54
N ARG A 106 -16.71 -2.26 -25.32
CA ARG A 106 -17.13 -1.20 -24.41
C ARG A 106 -16.09 -0.04 -24.38
N GLN A 107 -14.86 -0.25 -24.89
CA GLN A 107 -13.82 0.81 -24.97
C GLN A 107 -14.26 2.03 -25.81
N HIS A 108 -13.78 3.20 -25.39
CA HIS A 108 -14.07 4.49 -26.02
C HIS A 108 -15.57 4.90 -26.03
N SER A 109 -16.42 4.24 -25.22
CA SER A 109 -17.86 4.52 -25.14
C SER A 109 -18.25 5.22 -23.83
N GLY A 110 -17.26 5.65 -23.04
CA GLY A 110 -17.55 6.31 -21.78
C GLY A 110 -17.96 5.40 -20.63
N LEU A 111 -17.80 4.08 -20.77
CA LEU A 111 -18.16 3.13 -19.71
C LEU A 111 -17.13 3.24 -18.58
N GLY A 112 -15.85 3.45 -18.94
CA GLY A 112 -14.77 3.65 -17.97
C GLY A 112 -15.05 4.88 -17.10
N ARG A 113 -15.41 6.00 -17.73
CA ARG A 113 -15.75 7.23 -17.01
C ARG A 113 -16.97 7.04 -16.16
N ALA A 114 -17.95 6.31 -16.66
CA ALA A 114 -19.18 6.01 -15.96
C ALA A 114 -18.88 5.18 -14.71
N LEU A 115 -18.01 4.17 -14.83
CA LEU A 115 -17.61 3.33 -13.68
C LEU A 115 -16.85 4.19 -12.64
N LEU A 116 -15.99 5.10 -13.11
CA LEU A 116 -15.27 5.97 -12.22
C LEU A 116 -16.25 6.90 -11.49
N ALA A 117 -17.29 7.36 -12.21
CA ALA A 117 -18.32 8.23 -11.62
C ALA A 117 -19.06 7.50 -10.49
N GLU A 118 -19.33 6.22 -10.67
CA GLU A 118 -19.99 5.40 -9.65
C GLU A 118 -19.14 5.23 -8.40
N VAL A 119 -17.85 4.99 -8.60
CA VAL A 119 -16.90 4.86 -7.50
C VAL A 119 -16.85 6.18 -6.73
N VAL A 120 -16.68 7.29 -7.44
CA VAL A 120 -16.63 8.60 -6.81
C VAL A 120 -17.92 8.90 -6.01
N HIS A 121 -19.06 8.51 -6.56
CA HIS A 121 -20.36 8.71 -5.88
C HIS A 121 -20.41 7.87 -4.61
N ASP A 122 -20.00 6.60 -4.68
CA ASP A 122 -20.00 5.72 -3.48
C ASP A 122 -19.04 6.22 -2.38
N VAL A 123 -17.87 6.69 -2.79
CA VAL A 123 -16.87 7.28 -1.89
C VAL A 123 -17.41 8.56 -1.23
N ARG A 124 -17.98 9.48 -2.02
CA ARG A 124 -18.59 10.70 -1.43
C ARG A 124 -19.65 10.38 -0.37
N LEU A 125 -20.53 9.42 -0.67
CA LEU A 125 -21.59 8.96 0.24
C LEU A 125 -21.13 8.34 1.56
N THR A 126 -19.90 7.87 1.65
CA THR A 126 -19.37 7.30 2.88
C THR A 126 -18.55 8.43 3.54
N GLY A 127 -18.81 9.69 3.19
CA GLY A 127 -18.06 10.82 3.73
C GLY A 127 -16.62 10.94 3.27
N GLY A 128 -16.24 10.28 2.17
CA GLY A 128 -14.87 10.31 1.66
C GLY A 128 -14.44 11.69 1.20
N ARG A 129 -13.13 11.90 1.23
CA ARG A 129 -12.48 13.13 0.85
C ARG A 129 -11.58 13.03 -0.38
N LEU A 130 -10.81 11.94 -0.43
CA LEU A 130 -9.84 11.73 -1.46
C LEU A 130 -9.87 10.37 -2.06
N LEU A 131 -9.59 10.30 -3.36
CA LEU A 131 -9.49 9.03 -4.09
C LEU A 131 -8.16 9.08 -4.78
N PHE A 132 -7.31 8.11 -4.49
CA PHE A 132 -6.02 8.07 -5.18
C PHE A 132 -5.97 6.92 -6.17
N ALA A 133 -5.18 7.09 -7.22
CA ALA A 133 -4.99 6.03 -8.20
C ALA A 133 -3.52 6.04 -8.52
N GLU A 134 -2.99 4.88 -8.82
CA GLU A 134 -1.55 4.75 -9.11
C GLU A 134 -1.28 4.07 -10.40
N THR A 135 -0.30 4.54 -11.17
CA THR A 135 0.03 3.76 -12.35
C THR A 135 1.51 3.93 -12.63
N SER A 136 1.96 3.28 -13.69
CA SER A 136 3.34 3.33 -14.15
C SER A 136 3.60 4.49 -15.11
N GLY A 137 4.83 4.95 -15.19
CA GLY A 137 5.22 6.03 -16.12
C GLY A 137 5.74 5.50 -17.43
N ILE A 138 5.73 4.16 -17.66
CA ILE A 138 6.23 3.61 -18.93
C ILE A 138 5.22 3.88 -20.08
N ARG A 139 5.74 3.84 -21.30
CA ARG A 139 5.00 4.09 -22.57
C ARG A 139 3.62 3.42 -22.66
N LYS A 140 3.61 2.12 -22.37
CA LYS A 140 2.38 1.30 -22.33
C LYS A 140 1.21 1.84 -21.45
N TYR A 141 1.55 2.56 -20.37
CA TYR A 141 0.53 3.13 -19.49
C TYR A 141 0.09 4.56 -19.81
N ALA A 142 0.58 5.15 -20.90
CA ALA A 142 0.18 6.51 -21.29
C ALA A 142 -1.35 6.70 -21.39
N PRO A 143 -2.10 5.71 -21.95
CA PRO A 143 -3.57 5.84 -21.99
C PRO A 143 -4.23 5.89 -20.62
N THR A 144 -3.77 5.07 -19.69
CA THR A 144 -4.26 5.06 -18.30
C THR A 144 -4.00 6.44 -17.69
N ARG A 145 -2.77 6.94 -17.84
CA ARG A 145 -2.44 8.27 -17.36
C ARG A 145 -3.38 9.30 -17.94
N ARG A 146 -3.58 9.27 -19.25
CA ARG A 146 -4.49 10.23 -19.89
C ARG A 146 -5.91 10.10 -19.33
N PHE A 147 -6.41 8.88 -19.15
CA PHE A 147 -7.75 8.66 -18.59
C PHE A 147 -7.92 9.36 -17.24
N TYR A 148 -6.94 9.21 -16.34
CA TYR A 148 -7.04 9.86 -15.02
C TYR A 148 -6.93 11.36 -15.13
N GLU A 149 -6.05 11.82 -15.98
CA GLU A 149 -5.86 13.25 -16.18
C GLU A 149 -7.15 13.87 -16.70
N ARG A 150 -7.71 13.25 -17.74
CA ARG A 150 -9.00 13.71 -18.32
C ARG A 150 -10.13 13.69 -17.27
N ALA A 151 -10.06 12.79 -16.29
CA ALA A 151 -11.08 12.67 -15.25
C ALA A 151 -10.96 13.63 -14.08
N GLY A 152 -9.98 14.50 -14.08
CA GLY A 152 -9.84 15.45 -12.98
C GLY A 152 -8.78 15.11 -11.95
N PHE A 153 -8.13 13.95 -12.07
CA PHE A 153 -7.06 13.61 -11.14
C PHE A 153 -5.85 14.44 -11.47
N SER A 154 -5.06 14.80 -10.45
CA SER A 154 -3.82 15.55 -10.66
C SER A 154 -2.73 14.60 -10.19
N ALA A 155 -1.59 14.60 -10.89
CA ALA A 155 -0.44 13.79 -10.53
C ALA A 155 0.16 14.48 -9.32
N GLU A 156 0.09 13.89 -8.14
CA GLU A 156 0.63 14.54 -6.96
C GLU A 156 2.06 14.14 -6.59
N ALA A 157 2.44 12.89 -6.91
CA ALA A 157 3.75 12.34 -6.57
C ALA A 157 4.27 11.40 -7.63
N VAL A 158 5.59 11.35 -7.79
CA VAL A 158 6.30 10.41 -8.68
C VAL A 158 7.37 9.77 -7.84
N LEU A 159 7.32 8.43 -7.66
CA LEU A 159 8.33 7.70 -6.96
C LEU A 159 9.16 7.02 -8.07
N LYS A 160 10.37 7.51 -8.24
CA LYS A 160 11.23 7.04 -9.32
C LYS A 160 11.67 5.58 -9.22
N ALA A 161 11.55 4.87 -10.32
CA ALA A 161 12.02 3.51 -10.50
C ALA A 161 11.36 2.72 -9.47
N PHE A 162 10.12 3.08 -9.16
CA PHE A 162 9.42 2.25 -8.09
C PHE A 162 9.07 0.81 -8.39
N TYR A 163 8.50 0.53 -9.54
CA TYR A 163 8.10 -0.87 -9.76
C TYR A 163 9.28 -1.79 -10.16
N ARG A 164 10.31 -1.21 -10.75
CA ARG A 164 11.54 -1.91 -11.18
C ARG A 164 12.39 -0.82 -11.77
N ALA A 165 13.61 -1.16 -12.16
CA ALA A 165 14.52 -0.19 -12.74
C ALA A 165 13.81 0.49 -13.92
N GLY A 166 13.93 1.82 -13.97
CA GLY A 166 13.32 2.64 -14.97
C GLY A 166 11.80 2.74 -15.06
N ASP A 167 11.06 2.15 -14.11
CA ASP A 167 9.57 2.10 -14.13
C ASP A 167 9.03 2.89 -12.93
N ASP A 168 8.77 4.16 -13.12
CA ASP A 168 8.29 5.00 -12.02
C ASP A 168 6.82 4.84 -11.71
N LYS A 169 6.42 5.09 -10.45
CA LYS A 169 5.01 5.06 -10.05
C LYS A 169 4.54 6.51 -9.95
N ILE A 170 3.43 6.85 -10.60
CA ILE A 170 2.83 8.21 -10.57
C ILE A 170 1.59 8.01 -9.65
N ILE A 171 1.43 8.84 -8.61
CA ILE A 171 0.30 8.77 -7.68
C ILE A 171 -0.63 9.92 -8.09
N TYR A 172 -1.85 9.55 -8.48
CA TYR A 172 -2.86 10.52 -8.96
C TYR A 172 -3.86 10.78 -7.86
N ARG A 173 -4.19 12.05 -7.65
CA ARG A 173 -5.12 12.51 -6.62
C ARG A 173 -6.44 13.10 -7.18
N LEU A 174 -7.56 12.65 -6.63
CA LEU A 174 -8.90 13.20 -6.94
C LEU A 174 -9.58 13.61 -5.63
N GLU A 175 -9.80 14.90 -5.45
CA GLU A 175 -10.54 15.43 -4.28
C GLU A 175 -12.01 15.20 -4.63
N VAL A 176 -12.71 14.35 -3.88
CA VAL A 176 -14.11 14.02 -4.21
C VAL A 176 -15.19 14.92 -3.60
N ALA A 177 -14.87 15.62 -2.54
CA ALA A 177 -15.82 16.53 -1.88
C ALA A 177 -14.96 17.67 -1.45
N ALA B 19 24.99 -5.41 25.81
CA ALA B 19 25.17 -6.14 24.53
C ALA B 19 23.79 -6.40 23.88
N VAL B 20 23.54 -5.74 22.75
CA VAL B 20 22.29 -5.92 22.01
C VAL B 20 22.50 -7.02 20.97
N ALA B 21 21.58 -7.98 20.89
CA ALA B 21 21.64 -9.04 19.87
C ALA B 21 20.49 -8.83 18.87
N PHE B 22 20.76 -8.99 17.58
CA PHE B 22 19.74 -8.85 16.52
C PHE B 22 19.29 -10.24 16.09
N ARG B 23 17.98 -10.47 16.08
CA ARG B 23 17.40 -11.77 15.74
C ARG B 23 16.34 -11.58 14.66
N ARG B 24 16.35 -12.44 13.65
CA ARG B 24 15.37 -12.42 12.56
C ARG B 24 14.29 -13.48 12.71
N GLN B 25 14.56 -14.56 13.45
CA GLN B 25 13.59 -15.65 13.62
C GLN B 25 12.45 -15.21 14.51
N VAL B 26 11.20 -15.44 14.11
CA VAL B 26 10.03 -15.07 14.89
C VAL B 26 9.67 -16.25 15.77
N LEU B 27 9.58 -15.99 17.06
CA LEU B 27 9.24 -17.00 18.06
C LEU B 27 7.83 -16.67 18.58
N PRO B 28 7.16 -17.64 19.23
CA PRO B 28 5.81 -17.41 19.81
C PRO B 28 5.71 -16.25 20.84
N GLN B 29 6.79 -16.03 21.61
CA GLN B 29 6.86 -14.95 22.59
C GLN B 29 6.82 -13.54 21.97
N ASP B 30 7.22 -13.43 20.71
CA ASP B 30 7.32 -12.13 20.02
C ASP B 30 6.10 -11.25 19.78
N ALA B 31 4.96 -11.86 19.45
CA ALA B 31 3.70 -11.15 19.19
C ALA B 31 3.32 -10.23 20.36
N LEU B 32 3.38 -10.75 21.58
CA LEU B 32 3.05 -9.96 22.75
C LEU B 32 4.19 -8.99 23.14
N LEU B 33 5.46 -9.40 22.95
CA LEU B 33 6.64 -8.55 23.25
C LEU B 33 6.61 -7.35 22.33
N VAL B 34 6.27 -7.57 21.06
CA VAL B 34 6.15 -6.50 20.08
C VAL B 34 5.04 -5.53 20.48
N ARG B 35 3.90 -6.10 20.88
CA ARG B 35 2.78 -5.27 21.30
C ARG B 35 3.22 -4.38 22.45
N ARG B 36 3.86 -4.93 23.46
CA ARG B 36 4.34 -4.12 24.60
C ARG B 36 5.38 -3.06 24.18
N VAL B 37 6.23 -3.36 23.19
CA VAL B 37 7.21 -2.39 22.69
C VAL B 37 6.43 -1.25 22.08
N VAL B 38 5.52 -1.60 21.17
CA VAL B 38 4.67 -0.65 20.47
C VAL B 38 3.85 0.24 21.41
N GLU B 39 3.28 -0.37 22.44
CA GLU B 39 2.48 0.34 23.45
C GLU B 39 3.30 1.27 24.29
N SER B 40 4.58 0.96 24.52
CA SER B 40 5.47 1.81 25.29
C SER B 40 5.88 3.13 24.59
N THR B 41 5.72 3.20 23.27
CA THR B 41 6.13 4.40 22.51
C THR B 41 5.15 5.56 22.42
N GLY B 42 3.84 5.31 22.52
CA GLY B 42 2.82 6.38 22.41
C GLY B 42 2.47 6.80 20.97
N PHE B 43 2.99 6.10 19.97
CA PHE B 43 2.71 6.37 18.58
C PHE B 43 1.72 5.38 18.00
N PHE B 44 1.20 4.48 18.83
CA PHE B 44 0.30 3.48 18.36
C PHE B 44 -0.99 3.49 19.14
N THR B 45 -2.09 3.76 18.45
CA THR B 45 -3.38 3.71 19.05
C THR B 45 -3.62 2.20 19.26
N PRO B 46 -4.57 1.81 20.09
CA PRO B 46 -4.78 0.37 20.23
C PRO B 46 -4.95 -0.39 18.91
N GLU B 47 -5.62 0.25 17.95
CA GLU B 47 -5.89 -0.29 16.62
C GLU B 47 -4.55 -0.50 15.88
N GLU B 48 -3.64 0.43 16.03
CA GLU B 48 -2.32 0.34 15.45
C GLU B 48 -1.47 -0.71 16.17
N ALA B 49 -1.57 -0.82 17.50
CA ALA B 49 -0.85 -1.84 18.25
C ALA B 49 -1.38 -3.23 17.83
N ASP B 50 -2.67 -3.32 17.49
CA ASP B 50 -3.27 -4.58 17.02
C ASP B 50 -2.65 -4.99 15.71
N VAL B 51 -2.46 -4.02 14.83
CA VAL B 51 -1.82 -4.28 13.53
C VAL B 51 -0.39 -4.79 13.81
N ALA B 52 0.36 -4.04 14.62
CA ALA B 52 1.75 -4.42 14.98
C ALA B 52 1.85 -5.87 15.42
N GLN B 53 0.93 -6.30 16.29
CA GLN B 53 0.91 -7.68 16.78
C GLN B 53 0.44 -8.69 15.73
N GLU B 54 -0.56 -8.30 14.92
CA GLU B 54 -1.11 -9.20 13.88
C GLU B 54 -0.07 -9.63 12.86
N LEU B 55 0.80 -8.69 12.46
CA LEU B 55 1.90 -8.98 11.51
C LEU B 55 2.84 -10.07 12.03
N VAL B 56 3.09 -10.07 13.35
CA VAL B 56 3.97 -11.07 13.96
C VAL B 56 3.25 -12.42 13.99
N ASP B 57 1.95 -12.40 14.26
CA ASP B 57 1.13 -13.61 14.27
C ASP B 57 1.01 -14.22 12.87
N GLU B 58 0.79 -13.41 11.84
CA GLU B 58 0.71 -13.92 10.45
C GLU B 58 2.04 -14.58 10.04
N HIS B 59 3.18 -14.06 10.52
CA HIS B 59 4.49 -14.66 10.23
C HIS B 59 4.56 -16.00 10.96
N LEU B 60 3.97 -16.10 12.15
CA LEU B 60 3.91 -17.36 12.88
C LEU B 60 2.91 -18.35 12.25
N HIS B 62 2.07 -18.54 8.97
CA HIS B 62 2.42 -18.77 7.56
C HIS B 62 3.93 -18.96 7.40
N GLY B 63 4.72 -17.95 7.77
CA GLY B 63 6.20 -17.96 7.65
C GLY B 63 6.55 -16.78 6.78
N ALA B 64 7.65 -16.89 6.03
CA ALA B 64 8.05 -15.80 5.11
C ALA B 64 6.94 -15.44 4.11
N ALA B 65 6.09 -16.41 3.76
CA ALA B 65 4.95 -16.26 2.86
C ALA B 65 4.05 -15.04 3.06
N CYS B 66 3.91 -14.59 4.30
CA CYS B 66 3.09 -13.40 4.58
C CYS B 66 3.74 -12.07 4.05
N GLY B 67 5.02 -12.09 3.74
CA GLY B 67 5.71 -10.89 3.24
C GLY B 67 6.09 -9.85 4.28
N TYR B 68 6.12 -10.25 5.54
CA TYR B 68 6.48 -9.38 6.66
C TYR B 68 7.72 -9.99 7.31
N HIS B 69 8.78 -9.21 7.35
CA HIS B 69 10.07 -9.58 7.91
C HIS B 69 10.30 -8.69 9.12
N PHE B 70 11.14 -9.21 10.02
CA PHE B 70 11.44 -8.57 11.29
C PHE B 70 12.91 -8.65 11.69
N VAL B 71 13.38 -7.61 12.40
CA VAL B 71 14.74 -7.60 13.02
C VAL B 71 14.42 -7.18 14.47
N PHE B 72 14.61 -8.08 15.43
CA PHE B 72 14.35 -7.82 16.83
C PHE B 72 15.66 -7.53 17.56
N ALA B 73 15.77 -6.40 18.27
CA ALA B 73 16.96 -6.05 19.05
C ALA B 73 16.66 -6.55 20.49
N THR B 74 17.44 -7.51 21.01
CA THR B 74 17.22 -8.02 22.38
C THR B 74 18.44 -7.81 23.32
N GLU B 75 18.17 -7.66 24.61
CA GLU B 75 19.19 -7.50 25.68
C GLU B 75 18.67 -8.45 26.75
N ASP B 76 19.43 -9.52 27.02
CA ASP B 76 19.05 -10.57 27.98
C ASP B 76 17.80 -11.18 27.35
N ASP B 77 16.78 -11.47 28.13
CA ASP B 77 15.55 -11.99 27.56
C ASP B 77 14.56 -10.88 27.24
N ASP B 78 14.99 -9.60 27.23
CA ASP B 78 14.08 -8.46 26.96
C ASP B 78 14.23 -7.94 25.54
N ALA B 80 14.47 -4.85 23.37
CA ALA B 80 14.77 -3.42 23.42
C ALA B 80 14.02 -2.61 22.33
N GLY B 81 13.76 -3.29 21.21
CA GLY B 81 13.06 -2.69 20.09
C GLY B 81 13.05 -3.61 18.88
N TYR B 82 12.47 -3.15 17.79
CA TYR B 82 12.42 -3.97 16.59
C TYR B 82 12.05 -3.14 15.37
N ALA B 83 12.25 -3.75 14.20
CA ALA B 83 11.88 -3.15 12.91
C ALA B 83 11.01 -4.19 12.19
N CYS B 84 10.02 -3.73 11.44
CA CYS B 84 9.09 -4.53 10.67
C CYS B 84 9.19 -4.00 9.24
N TYR B 85 9.37 -4.88 8.27
CA TYR B 85 9.52 -4.45 6.89
C TYR B 85 9.16 -5.58 5.92
N GLY B 86 9.13 -5.28 4.62
CA GLY B 86 8.80 -6.33 3.66
C GLY B 86 8.85 -5.91 2.23
N PRO B 87 8.88 -6.89 1.30
CA PRO B 87 8.89 -6.45 -0.09
C PRO B 87 7.57 -5.82 -0.52
N THR B 88 7.66 -4.78 -1.34
CA THR B 88 6.45 -4.14 -1.80
C THR B 88 5.77 -5.01 -2.88
N PRO B 89 4.47 -5.32 -2.71
CA PRO B 89 3.77 -6.12 -3.70
C PRO B 89 3.84 -5.51 -5.09
N ALA B 90 3.92 -6.38 -6.10
CA ALA B 90 3.93 -6.00 -7.49
C ALA B 90 5.14 -5.18 -7.93
N THR B 91 6.29 -5.39 -7.32
CA THR B 91 7.50 -4.63 -7.65
C THR B 91 8.68 -5.58 -7.64
N GLU B 92 9.79 -5.15 -8.25
N GLU B 92 9.80 -5.17 -8.21
CA GLU B 92 11.06 -5.89 -8.31
CA GLU B 92 11.00 -6.00 -8.22
C GLU B 92 12.07 -5.08 -7.53
C GLU B 92 12.06 -5.14 -7.55
N GLY B 93 12.54 -5.58 -6.39
CA GLY B 93 13.56 -4.86 -5.62
C GLY B 93 13.17 -3.65 -4.80
N THR B 94 11.87 -3.43 -4.58
CA THR B 94 11.40 -2.32 -3.74
C THR B 94 10.83 -2.93 -2.46
N TYR B 95 11.15 -2.29 -1.35
CA TYR B 95 10.75 -2.73 -0.01
C TYR B 95 10.16 -1.55 0.77
N ASP B 96 9.28 -1.88 1.70
CA ASP B 96 8.72 -0.91 2.60
C ASP B 96 9.15 -1.17 4.03
N LEU B 97 9.63 -0.12 4.71
CA LEU B 97 9.94 -0.19 6.13
C LEU B 97 8.61 0.22 6.77
N TYR B 98 7.94 -0.69 7.48
CA TYR B 98 6.63 -0.42 8.12
C TYR B 98 6.87 0.46 9.36
N TRP B 99 7.77 0.07 10.26
CA TRP B 99 8.18 0.96 11.39
C TRP B 99 9.34 0.37 12.16
N ILE B 100 10.01 1.26 12.89
CA ILE B 100 11.05 0.89 13.80
C ILE B 100 10.50 1.36 15.17
N ALA B 101 10.34 0.46 16.14
CA ALA B 101 9.85 0.82 17.50
C ALA B 101 10.91 0.43 18.54
N VAL B 102 11.30 1.38 19.38
CA VAL B 102 12.28 1.17 20.47
C VAL B 102 11.63 1.54 21.81
N ALA B 103 11.83 0.72 22.84
CA ALA B 103 11.27 0.98 24.18
C ALA B 103 11.83 2.32 24.71
N PRO B 104 11.03 3.08 25.49
CA PRO B 104 11.50 4.40 25.98
C PRO B 104 12.84 4.42 26.68
N HIS B 105 13.12 3.39 27.48
CA HIS B 105 14.40 3.31 28.19
C HIS B 105 15.62 3.07 27.27
N ARG B 106 15.43 2.56 26.04
CA ARG B 106 16.55 2.35 25.10
C ARG B 106 16.47 3.31 23.95
N GLN B 107 15.76 4.42 24.13
CA GLN B 107 15.50 5.33 23.04
C GLN B 107 16.54 6.39 22.67
N HIS B 108 17.47 6.72 23.54
CA HIS B 108 18.54 7.69 23.17
C HIS B 108 19.85 6.92 23.19
N SER B 109 19.79 5.71 22.63
CA SER B 109 20.88 4.75 22.57
C SER B 109 21.50 4.49 21.20
N GLY B 110 20.90 5.00 20.11
CA GLY B 110 21.39 4.72 18.76
C GLY B 110 20.83 3.37 18.23
N LEU B 111 19.92 2.74 18.97
CA LEU B 111 19.35 1.46 18.60
C LEU B 111 18.46 1.57 17.35
N GLY B 112 17.76 2.70 17.20
CA GLY B 112 16.91 2.93 16.04
C GLY B 112 17.75 2.86 14.78
N ARG B 113 18.87 3.60 14.76
N ARG B 113 18.89 3.57 14.76
CA ARG B 113 19.80 3.60 13.61
CA ARG B 113 19.80 3.57 13.61
C ARG B 113 20.42 2.22 13.36
C ARG B 113 20.36 2.18 13.36
N ALA B 114 20.69 1.46 14.44
CA ALA B 114 21.22 0.11 14.37
C ALA B 114 20.20 -0.85 13.75
N LEU B 115 18.94 -0.74 14.16
CA LEU B 115 17.87 -1.55 13.58
C LEU B 115 17.68 -1.25 12.11
N LEU B 116 17.67 0.02 11.72
CA LEU B 116 17.56 0.38 10.30
C LEU B 116 18.76 -0.19 9.50
N ALA B 117 19.99 -0.08 10.05
CA ALA B 117 21.17 -0.63 9.37
C ALA B 117 20.98 -2.16 9.10
N GLU B 118 20.39 -2.87 10.03
CA GLU B 118 20.15 -4.29 9.83
C GLU B 118 19.10 -4.57 8.72
N VAL B 119 18.02 -3.78 8.71
CA VAL B 119 17.00 -3.92 7.69
C VAL B 119 17.63 -3.69 6.32
N VAL B 120 18.44 -2.64 6.21
CA VAL B 120 19.12 -2.29 4.95
C VAL B 120 20.06 -3.41 4.49
N HIS B 121 20.77 -4.03 5.44
CA HIS B 121 21.64 -5.16 5.16
C HIS B 121 20.82 -6.29 4.54
N ASP B 122 19.70 -6.61 5.19
CA ASP B 122 18.83 -7.69 4.72
C ASP B 122 18.21 -7.46 3.37
N VAL B 123 17.77 -6.23 3.12
CA VAL B 123 17.17 -5.82 1.86
C VAL B 123 18.25 -5.87 0.77
N ARG B 124 19.44 -5.36 1.06
CA ARG B 124 20.53 -5.49 0.10
C ARG B 124 20.80 -6.95 -0.30
N LEU B 125 20.84 -7.86 0.68
CA LEU B 125 21.09 -9.29 0.37
C LEU B 125 20.11 -9.99 -0.55
N THR B 126 18.87 -9.57 -0.53
CA THR B 126 17.84 -10.17 -1.35
C THR B 126 17.73 -9.47 -2.67
N GLY B 127 18.67 -8.57 -2.99
CA GLY B 127 18.70 -7.84 -4.25
C GLY B 127 17.92 -6.55 -4.32
N GLY B 128 17.55 -5.99 -3.17
CA GLY B 128 16.78 -4.76 -3.16
C GLY B 128 17.53 -3.53 -3.62
N ARG B 129 16.81 -2.64 -4.29
CA ARG B 129 17.30 -1.38 -4.81
C ARG B 129 16.82 -0.22 -3.96
N LEU B 130 15.56 -0.29 -3.47
CA LEU B 130 14.93 0.80 -2.72
C LEU B 130 14.25 0.38 -1.46
N LEU B 131 14.28 1.26 -0.46
CA LEU B 131 13.58 1.04 0.80
C LEU B 131 12.78 2.32 0.99
N PHE B 132 11.46 2.15 1.11
CA PHE B 132 10.58 3.27 1.33
C PHE B 132 10.02 3.27 2.75
N ALA B 133 9.87 4.48 3.32
CA ALA B 133 9.26 4.69 4.64
C ALA B 133 8.22 5.81 4.50
N GLU B 134 7.08 5.65 5.12
CA GLU B 134 6.02 6.66 5.06
C GLU B 134 5.74 7.18 6.46
N THR B 135 5.55 8.48 6.60
CA THR B 135 5.19 9.01 7.90
C THR B 135 4.27 10.21 7.73
N SER B 136 3.84 10.74 8.85
CA SER B 136 2.93 11.88 8.91
C SER B 136 3.68 13.20 8.92
N GLY B 137 3.03 14.24 8.43
CA GLY B 137 3.63 15.57 8.40
C GLY B 137 3.34 16.43 9.60
N ILE B 138 2.62 15.90 10.61
CA ILE B 138 2.28 16.65 11.83
C ILE B 138 3.47 16.79 12.80
N ARG B 139 3.39 17.81 13.67
CA ARG B 139 4.45 18.13 14.66
C ARG B 139 4.98 16.90 15.43
N LYS B 140 4.06 16.08 15.94
CA LYS B 140 4.40 14.85 16.69
C LYS B 140 5.41 13.92 15.99
N TYR B 141 5.37 13.91 14.65
CA TYR B 141 6.26 13.09 13.81
C TYR B 141 7.53 13.78 13.35
N ALA B 142 7.77 15.00 13.82
CA ALA B 142 9.00 15.74 13.51
C ALA B 142 10.26 14.91 13.82
N PRO B 143 10.32 14.26 15.01
CA PRO B 143 11.48 13.41 15.33
C PRO B 143 11.72 12.27 14.31
N THR B 144 10.65 11.54 13.98
CA THR B 144 10.68 10.46 12.99
C THR B 144 11.22 10.97 11.67
N ARG B 145 10.71 12.10 11.19
CA ARG B 145 11.20 12.67 9.92
C ARG B 145 12.71 12.98 9.97
N ARG B 146 13.18 13.51 11.12
CA ARG B 146 14.60 13.83 11.38
C ARG B 146 15.40 12.54 11.29
N PHE B 147 14.90 11.50 11.97
CA PHE B 147 15.53 10.18 11.96
C PHE B 147 15.78 9.69 10.55
N TYR B 148 14.72 9.71 9.73
CA TYR B 148 14.80 9.28 8.35
C TYR B 148 15.75 10.14 7.53
N GLU B 149 15.64 11.46 7.69
CA GLU B 149 16.52 12.39 6.98
C GLU B 149 17.98 12.23 7.38
N ARG B 150 18.24 12.01 8.68
CA ARG B 150 19.61 11.81 9.18
C ARG B 150 20.19 10.48 8.68
N ALA B 151 19.32 9.49 8.43
CA ALA B 151 19.76 8.17 7.95
C ALA B 151 19.99 8.14 6.44
N GLY B 152 19.81 9.27 5.76
CA GLY B 152 20.04 9.34 4.32
C GLY B 152 18.81 9.16 3.44
N PHE B 153 17.61 9.16 4.04
CA PHE B 153 16.36 9.03 3.27
C PHE B 153 16.08 10.42 2.77
N SER B 154 15.46 10.51 1.61
CA SER B 154 15.10 11.79 1.04
C SER B 154 13.56 11.77 0.93
N ALA B 155 12.94 12.89 1.24
CA ALA B 155 11.51 13.09 1.13
C ALA B 155 11.26 13.12 -0.36
N GLU B 156 10.61 12.11 -0.92
CA GLU B 156 10.33 12.11 -2.39
C GLU B 156 8.91 12.50 -2.79
N ALA B 157 7.93 12.36 -1.89
CA ALA B 157 6.54 12.70 -2.21
C ALA B 157 5.81 13.14 -0.94
N VAL B 158 4.83 14.01 -1.16
CA VAL B 158 3.95 14.57 -0.14
C VAL B 158 2.54 14.43 -0.72
N LEU B 159 1.66 13.71 -0.01
CA LEU B 159 0.27 13.54 -0.38
C LEU B 159 -0.47 14.39 0.65
N LYS B 160 -0.99 15.55 0.22
CA LYS B 160 -1.67 16.50 1.13
C LYS B 160 -2.92 15.94 1.76
N ALA B 161 -3.03 16.11 3.07
CA ALA B 161 -4.19 15.65 3.86
C ALA B 161 -4.52 14.19 3.63
N PHE B 162 -3.52 13.35 3.43
CA PHE B 162 -3.72 11.94 3.17
C PHE B 162 -4.40 11.22 4.32
N TYR B 163 -3.93 11.43 5.54
CA TYR B 163 -4.53 10.72 6.70
C TYR B 163 -5.80 11.37 7.20
N ARG B 164 -5.85 12.70 7.18
CA ARG B 164 -7.01 13.51 7.58
C ARG B 164 -6.65 14.95 7.25
N ALA B 165 -7.62 15.85 7.40
CA ALA B 165 -7.38 17.27 7.14
C ALA B 165 -6.16 17.74 7.95
N GLY B 166 -5.21 18.42 7.30
CA GLY B 166 -4.01 18.87 7.96
C GLY B 166 -2.95 17.81 8.28
N ASP B 167 -3.18 16.53 7.91
CA ASP B 167 -2.24 15.44 8.21
C ASP B 167 -1.77 14.78 6.88
N ASP B 168 -0.63 15.27 6.39
CA ASP B 168 -0.03 14.83 5.13
C ASP B 168 0.79 13.58 5.29
N LYS B 169 0.90 12.78 4.22
CA LYS B 169 1.74 11.59 4.23
C LYS B 169 2.98 12.02 3.51
N ILE B 170 4.15 11.78 4.10
CA ILE B 170 5.44 12.10 3.47
C ILE B 170 6.06 10.74 3.17
N ILE B 171 6.53 10.56 1.93
CA ILE B 171 7.15 9.29 1.49
C ILE B 171 8.64 9.55 1.34
N TYR B 172 9.41 8.80 2.13
CA TYR B 172 10.85 8.88 2.20
C TYR B 172 11.44 7.74 1.42
N ARG B 173 12.47 8.04 0.66
CA ARG B 173 13.15 7.09 -0.19
C ARG B 173 14.61 6.82 0.23
N LEU B 174 15.03 5.56 0.30
CA LEU B 174 16.45 5.25 0.53
C LEU B 174 16.90 4.33 -0.59
N GLU B 175 17.90 4.76 -1.35
CA GLU B 175 18.47 3.93 -2.42
C GLU B 175 19.47 3.06 -1.68
N VAL B 176 19.27 1.75 -1.84
CA VAL B 176 20.04 0.68 -1.18
C VAL B 176 21.15 0.02 -2.05
N ALA B 177 21.06 0.19 -3.36
CA ALA B 177 22.04 -0.37 -4.28
C ALA B 177 22.09 0.56 -5.48
#